data_2AUY
#
_entry.id   2AUY
#
_cell.length_a   56.800
_cell.length_b   83.140
_cell.length_c   123.020
_cell.angle_alpha   90.00
_cell.angle_beta   90.00
_cell.angle_gamma   90.00
#
_symmetry.space_group_name_H-M   'P 21 21 21'
#
loop_
_entity.id
_entity.type
_entity.pdbx_description
1 polymer lectin
2 branched '2-acetamido-2-deoxy-beta-D-glucopyranose-(1-2)-alpha-D-mannopyranose-(1-3)-methyl alpha-D-mannopyranoside'
3 non-polymer 'MANGANESE (II) ION'
4 non-polymer 'CALCIUM ION'
5 water water
#
_entity_poly.entity_id   1
_entity_poly.type   'polypeptide(L)'
_entity_poly.pdbx_seq_one_letter_code
;(PCA)DSLSFGFPTFPSDQKNLIFQGDAQIKNNAVQLTKTDSNGNPVASTVGRILFSAQVHLWEKSSSRVANFQSQFSFS
LKSPLSNGADGIAFFIAPPDTTIPSGSGGGLLGLFAPGTAQNTSANQVIAVEFDTFYAQDSNTWDPNYPHIGIDVNSIRS
VKTVKWDRRDGQSLNVLVTFNPSTRNLDVVATYSDGTRYEVSYEVDVRSVLPEWVRVGFSAASGEQYQTHTLESWSFTST
LLYTAQKKGENLALEM
;
_entity_poly.pdbx_strand_id   A,B
#
loop_
_chem_comp.id
_chem_comp.type
_chem_comp.name
_chem_comp.formula
CA non-polymer 'CALCIUM ION' 'Ca 2'
MAN D-saccharide, alpha linking alpha-D-mannopyranose 'C6 H12 O6'
MMA D-saccharide 'methyl alpha-D-mannopyranoside' 'C7 H14 O6'
MN non-polymer 'MANGANESE (II) ION' 'Mn 2'
NAG D-saccharide, beta linking 2-acetamido-2-deoxy-beta-D-glucopyranose 'C8 H15 N O6'
#
# COMPACT_ATOMS: atom_id res chain seq x y z
N PCA A 1 -0.75 -4.91 -7.73
CA PCA A 1 -0.61 -3.66 -8.54
CB PCA A 1 -0.76 -2.49 -7.59
CG PCA A 1 -0.46 -3.01 -6.23
CD PCA A 1 -0.67 -4.52 -6.27
OE PCA A 1 -0.52 -5.21 -5.28
C PCA A 1 0.73 -3.58 -9.26
O PCA A 1 1.75 -4.04 -8.75
N ASP A 2 0.72 -2.98 -10.44
CA ASP A 2 1.93 -2.80 -11.24
C ASP A 2 2.78 -1.68 -10.64
N SER A 3 2.12 -0.72 -9.99
CA SER A 3 2.83 0.40 -9.38
C SER A 3 2.32 0.63 -7.96
N LEU A 4 3.24 1.02 -7.08
CA LEU A 4 2.92 1.27 -5.69
C LEU A 4 3.86 2.36 -5.16
N SER A 5 3.31 3.28 -4.37
CA SER A 5 4.14 4.31 -3.77
C SER A 5 3.51 4.75 -2.47
N PHE A 6 4.35 5.17 -1.53
CA PHE A 6 3.87 5.65 -0.24
C PHE A 6 4.93 6.59 0.33
N GLY A 7 4.50 7.51 1.18
CA GLY A 7 5.45 8.45 1.75
C GLY A 7 5.16 8.78 3.20
N PHE A 8 6.20 8.66 4.04
CA PHE A 8 6.09 8.99 5.45
C PHE A 8 6.99 10.20 5.71
N PRO A 9 6.43 11.42 5.65
CA PRO A 9 7.28 12.60 5.91
C PRO A 9 7.77 12.52 7.37
N THR A 10 6.94 11.96 8.23
CA THR A 10 7.25 11.74 9.64
C THR A 10 6.55 10.46 10.02
N PHE A 11 6.71 10.04 11.28
CA PHE A 11 6.07 8.81 11.75
C PHE A 11 5.20 9.01 12.99
N PRO A 12 3.95 9.46 12.81
CA PRO A 12 3.05 9.65 13.94
C PRO A 12 2.83 8.31 14.62
N SER A 13 2.37 8.33 15.88
CA SER A 13 2.18 7.09 16.63
C SER A 13 1.08 6.13 16.18
N ASP A 14 0.02 6.64 15.54
CA ASP A 14 -1.06 5.75 15.10
C ASP A 14 -0.85 5.14 13.72
N GLN A 15 0.14 4.25 13.61
CA GLN A 15 0.44 3.60 12.33
C GLN A 15 -0.45 2.39 12.11
N LYS A 16 -0.85 2.17 10.87
CA LYS A 16 -1.71 1.04 10.52
C LYS A 16 -1.07 0.09 9.51
N ASN A 17 -0.16 0.61 8.69
CA ASN A 17 0.46 -0.21 7.65
C ASN A 17 1.91 -0.64 7.87
N LEU A 18 2.37 -0.60 9.11
CA LEU A 18 3.74 -1.01 9.42
C LEU A 18 3.78 -2.28 10.27
N ILE A 19 4.70 -3.17 9.91
CA ILE A 19 4.90 -4.41 10.64
C ILE A 19 6.13 -4.17 11.51
N PHE A 20 5.92 -4.16 12.82
CA PHE A 20 7.02 -3.94 13.76
C PHE A 20 7.54 -5.28 14.25
N GLN A 21 8.85 -5.46 14.19
CA GLN A 21 9.48 -6.70 14.65
C GLN A 21 10.58 -6.34 15.64
N GLY A 22 10.79 -7.20 16.63
CA GLY A 22 11.83 -6.92 17.61
C GLY A 22 11.50 -5.74 18.50
N ASP A 23 12.49 -4.87 18.73
CA ASP A 23 12.29 -3.72 19.61
C ASP A 23 11.84 -2.43 18.95
N ALA A 24 11.61 -2.46 17.64
CA ALA A 24 11.20 -1.24 16.93
C ALA A 24 9.91 -0.62 17.46
N GLN A 25 9.90 0.69 17.60
CA GLN A 25 8.70 1.38 18.05
C GLN A 25 8.75 2.86 17.69
N ILE A 26 7.59 3.49 17.66
CA ILE A 26 7.49 4.91 17.34
C ILE A 26 7.67 5.75 18.60
N LYS A 27 8.54 6.75 18.51
CA LYS A 27 8.79 7.67 19.60
C LYS A 27 9.16 9.03 19.02
N ASN A 28 8.45 10.07 19.45
CA ASN A 28 8.70 11.42 18.95
C ASN A 28 8.63 11.52 17.43
N ASN A 29 7.52 11.03 16.86
CA ASN A 29 7.31 11.07 15.42
C ASN A 29 8.41 10.49 14.54
N ALA A 30 9.18 9.57 15.11
CA ALA A 30 10.25 8.91 14.37
C ALA A 30 10.24 7.45 14.78
N VAL A 31 10.82 6.60 13.94
CA VAL A 31 10.89 5.18 14.28
C VAL A 31 12.21 4.86 14.99
N GLN A 32 12.12 4.39 16.23
CA GLN A 32 13.31 4.01 16.97
C GLN A 32 13.45 2.50 16.77
N LEU A 33 14.35 2.12 15.86
CA LEU A 33 14.56 0.71 15.55
C LEU A 33 15.12 -0.11 16.71
N THR A 34 16.05 0.47 17.45
CA THR A 34 16.64 -0.22 18.59
C THR A 34 16.15 0.36 19.90
N LYS A 35 16.07 -0.52 20.91
CA LYS A 35 15.58 -0.14 22.24
C LYS A 35 16.37 0.97 22.92
N THR A 36 15.66 1.77 23.71
CA THR A 36 16.25 2.86 24.47
C THR A 36 15.64 2.81 25.86
N ASP A 37 16.26 3.51 26.82
CA ASP A 37 15.74 3.50 28.18
C ASP A 37 14.71 4.60 28.42
N SER A 38 14.30 4.76 29.67
CA SER A 38 13.31 5.76 30.07
C SER A 38 13.67 7.18 29.66
N ASN A 39 14.95 7.51 29.71
CA ASN A 39 15.41 8.85 29.35
C ASN A 39 15.87 8.98 27.89
N GLY A 40 15.63 7.95 27.09
CA GLY A 40 15.99 8.00 25.68
C GLY A 40 17.41 7.61 25.28
N ASN A 41 18.14 6.97 26.18
CA ASN A 41 19.51 6.55 25.85
C ASN A 41 19.54 5.13 25.30
N PRO A 42 20.42 4.89 24.33
CA PRO A 42 20.57 3.57 23.69
C PRO A 42 21.06 2.51 24.68
N VAL A 43 20.59 1.28 24.49
CA VAL A 43 20.99 0.17 25.35
C VAL A 43 21.62 -0.93 24.49
N ALA A 44 22.36 -1.82 25.12
CA ALA A 44 23.01 -2.92 24.42
C ALA A 44 22.05 -4.05 24.11
N SER A 45 22.50 -4.97 23.26
CA SER A 45 21.74 -6.16 22.88
C SER A 45 20.30 -5.88 22.49
N THR A 46 20.11 -5.24 21.33
CA THR A 46 18.78 -4.91 20.87
C THR A 46 18.71 -4.99 19.35
N VAL A 47 17.60 -5.51 18.83
CA VAL A 47 17.38 -5.64 17.39
C VAL A 47 15.94 -5.22 17.12
N GLY A 48 15.73 -4.53 16.01
CA GLY A 48 14.40 -4.08 15.65
C GLY A 48 14.30 -3.82 14.16
N ARG A 49 13.13 -4.08 13.59
CA ARG A 49 12.93 -3.87 12.16
C ARG A 49 11.48 -3.45 11.91
N ILE A 50 11.25 -2.85 10.75
CA ILE A 50 9.90 -2.47 10.34
C ILE A 50 9.80 -2.81 8.87
N LEU A 51 8.59 -3.17 8.44
CA LEU A 51 8.33 -3.53 7.04
C LEU A 51 7.00 -2.90 6.66
N PHE A 52 6.87 -2.49 5.40
CA PHE A 52 5.59 -1.93 4.97
C PHE A 52 4.69 -3.16 4.75
N SER A 53 3.43 -3.05 5.15
CA SER A 53 2.50 -4.18 5.04
C SER A 53 2.20 -4.66 3.63
N ALA A 54 1.96 -3.73 2.71
CA ALA A 54 1.65 -4.11 1.33
C ALA A 54 2.87 -4.72 0.65
N GLN A 55 2.65 -5.83 -0.06
CA GLN A 55 3.73 -6.49 -0.78
C GLN A 55 4.01 -5.76 -2.08
N VAL A 56 5.28 -5.78 -2.47
CA VAL A 56 5.74 -5.13 -3.69
C VAL A 56 5.99 -6.15 -4.78
N HIS A 57 5.46 -5.89 -5.98
CA HIS A 57 5.66 -6.78 -7.11
C HIS A 57 6.95 -6.33 -7.80
N LEU A 58 8.05 -6.97 -7.41
CA LEU A 58 9.39 -6.66 -7.91
C LEU A 58 9.62 -7.13 -9.35
N TRP A 59 9.07 -8.28 -9.69
CA TRP A 59 9.18 -8.77 -11.05
C TRP A 59 8.06 -9.75 -11.36
N GLU A 60 7.79 -9.93 -12.64
CA GLU A 60 6.72 -10.80 -13.08
C GLU A 60 7.22 -11.71 -14.19
N LYS A 61 7.29 -13.00 -13.90
CA LYS A 61 7.78 -13.98 -14.86
C LYS A 61 6.93 -14.08 -16.14
N SER A 62 5.62 -14.04 -16.00
CA SER A 62 4.73 -14.14 -17.16
C SER A 62 4.98 -13.06 -18.21
N SER A 63 4.99 -11.79 -17.78
CA SER A 63 5.20 -10.68 -18.71
C SER A 63 6.67 -10.36 -18.91
N SER A 64 7.53 -11.02 -18.14
CA SER A 64 8.97 -10.79 -18.23
C SER A 64 9.30 -9.34 -17.85
N ARG A 65 8.55 -8.78 -16.90
CA ARG A 65 8.80 -7.42 -16.48
C ARG A 65 9.55 -7.35 -15.17
N VAL A 66 10.28 -6.26 -14.97
CA VAL A 66 11.04 -6.05 -13.75
C VAL A 66 10.76 -4.63 -13.32
N ALA A 67 10.56 -4.43 -12.02
CA ALA A 67 10.26 -3.10 -11.51
C ALA A 67 11.49 -2.24 -11.25
N ASN A 68 11.30 -0.94 -11.40
CA ASN A 68 12.35 0.01 -11.10
C ASN A 68 11.85 0.44 -9.71
N PHE A 69 12.73 0.91 -8.85
CA PHE A 69 12.23 1.38 -7.57
C PHE A 69 13.15 2.44 -7.03
N GLN A 70 12.60 3.30 -6.18
CA GLN A 70 13.36 4.37 -5.57
C GLN A 70 12.92 4.47 -4.13
N SER A 71 13.89 4.50 -3.23
CA SER A 71 13.59 4.61 -1.82
C SER A 71 14.40 5.78 -1.27
N GLN A 72 13.69 6.73 -0.68
CA GLN A 72 14.32 7.90 -0.11
C GLN A 72 14.03 7.92 1.38
N PHE A 73 15.06 8.11 2.19
CA PHE A 73 14.87 8.12 3.62
C PHE A 73 15.99 8.88 4.32
N SER A 74 15.77 9.21 5.59
CA SER A 74 16.78 9.91 6.38
C SER A 74 16.78 9.30 7.76
N PHE A 75 17.96 9.23 8.37
CA PHE A 75 18.07 8.67 9.71
C PHE A 75 19.22 9.35 10.43
N SER A 76 19.25 9.23 11.75
CA SER A 76 20.33 9.80 12.54
C SER A 76 20.74 8.79 13.59
N LEU A 77 22.01 8.84 13.98
CA LEU A 77 22.55 7.92 14.97
C LEU A 77 23.09 8.74 16.13
N LYS A 78 22.79 8.32 17.35
CA LYS A 78 23.26 9.03 18.53
C LYS A 78 23.74 8.06 19.60
N SER A 79 24.86 8.41 20.25
CA SER A 79 25.40 7.56 21.29
C SER A 79 26.23 8.36 22.28
N PRO A 80 26.13 8.02 23.58
CA PRO A 80 26.88 8.71 24.63
C PRO A 80 28.38 8.55 24.39
N LEU A 81 28.75 7.40 23.80
CA LEU A 81 30.14 7.10 23.49
C LEU A 81 30.57 7.76 22.18
N SER A 82 31.36 7.04 21.40
CA SER A 82 31.85 7.51 20.11
C SER A 82 31.99 6.32 19.18
N ASN A 83 32.03 5.14 19.77
CA ASN A 83 32.14 3.88 19.02
C ASN A 83 30.77 3.24 18.90
N GLY A 84 29.77 4.04 18.52
CA GLY A 84 28.42 3.52 18.38
C GLY A 84 28.34 2.33 17.43
N ALA A 85 27.44 1.40 17.75
CA ALA A 85 27.24 0.19 16.93
C ALA A 85 25.75 -0.15 16.97
N ASP A 86 25.28 -0.96 16.02
CA ASP A 86 26.07 -1.55 14.95
C ASP A 86 25.78 -0.99 13.56
N GLY A 87 24.61 -0.38 13.38
CA GLY A 87 24.28 0.16 12.08
C GLY A 87 22.83 -0.06 11.71
N ILE A 88 22.42 0.54 10.60
CA ILE A 88 21.05 0.44 10.11
C ILE A 88 21.10 0.00 8.65
N ALA A 89 20.05 -0.67 8.18
CA ALA A 89 20.04 -1.11 6.80
C ALA A 89 18.65 -1.08 6.19
N PHE A 90 18.60 -0.67 4.93
CA PHE A 90 17.35 -0.68 4.17
C PHE A 90 17.40 -2.07 3.53
N PHE A 91 16.31 -2.82 3.57
CA PHE A 91 16.37 -4.13 2.93
C PHE A 91 15.11 -4.56 2.20
N ILE A 92 15.28 -5.54 1.33
CA ILE A 92 14.22 -6.11 0.52
C ILE A 92 14.34 -7.62 0.75
N ALA A 93 13.23 -8.26 1.11
CA ALA A 93 13.25 -9.69 1.40
C ALA A 93 11.90 -10.34 1.13
N PRO A 94 11.84 -11.69 1.18
CA PRO A 94 10.56 -12.36 0.94
C PRO A 94 9.55 -11.80 1.95
N PRO A 95 8.26 -11.80 1.61
CA PRO A 95 7.20 -11.29 2.47
C PRO A 95 7.11 -11.83 3.90
N ASP A 96 7.46 -13.09 4.09
CA ASP A 96 7.36 -13.69 5.42
C ASP A 96 8.62 -13.56 6.29
N THR A 97 9.56 -12.74 5.86
CA THR A 97 10.80 -12.57 6.61
C THR A 97 10.58 -12.17 8.06
N THR A 98 11.41 -12.73 8.95
CA THR A 98 11.35 -12.44 10.39
C THR A 98 12.78 -12.34 10.91
N ILE A 99 12.95 -11.78 12.10
CA ILE A 99 14.28 -11.63 12.68
C ILE A 99 14.92 -13.00 12.93
N PRO A 100 16.04 -13.30 12.26
CA PRO A 100 16.70 -14.60 12.45
C PRO A 100 17.22 -14.73 13.88
N SER A 101 17.23 -15.95 14.39
CA SER A 101 17.72 -16.19 15.75
C SER A 101 19.20 -15.83 15.87
N GLY A 102 19.54 -14.98 16.84
CA GLY A 102 20.92 -14.57 17.05
C GLY A 102 21.49 -13.65 15.98
N SER A 103 20.62 -12.85 15.35
CA SER A 103 21.06 -11.95 14.30
C SER A 103 21.41 -10.55 14.80
N GLY A 104 21.60 -10.41 16.11
CA GLY A 104 21.94 -9.11 16.66
C GLY A 104 23.36 -8.68 16.34
N GLY A 105 23.82 -7.63 17.01
CA GLY A 105 25.17 -7.16 16.78
C GLY A 105 25.48 -6.83 15.32
N GLY A 106 26.65 -7.26 14.87
CA GLY A 106 27.09 -7.01 13.51
C GLY A 106 26.28 -7.66 12.39
N LEU A 107 25.34 -8.52 12.74
CA LEU A 107 24.52 -9.17 11.71
C LEU A 107 23.31 -8.29 11.37
N LEU A 108 23.25 -7.15 12.04
CA LEU A 108 22.22 -6.13 11.82
C LEU A 108 20.76 -6.61 11.81
N GLY A 109 20.51 -7.80 12.35
CA GLY A 109 19.16 -8.33 12.39
C GLY A 109 18.69 -8.87 11.05
N LEU A 110 19.63 -9.08 10.15
CA LEU A 110 19.31 -9.58 8.81
C LEU A 110 19.76 -11.01 8.54
N PHE A 111 20.82 -11.46 9.23
CA PHE A 111 21.32 -12.82 9.01
C PHE A 111 21.49 -13.65 10.27
N ALA A 112 21.45 -14.96 10.10
CA ALA A 112 21.65 -15.91 11.19
C ALA A 112 23.15 -16.17 11.25
N PRO A 113 23.72 -16.33 12.45
CA PRO A 113 25.15 -16.58 12.61
C PRO A 113 25.70 -17.70 11.73
N GLY A 114 25.03 -18.84 11.74
CA GLY A 114 25.50 -19.98 10.97
C GLY A 114 25.54 -19.86 9.45
N THR A 115 24.75 -18.95 8.88
CA THR A 115 24.71 -18.81 7.43
C THR A 115 24.90 -17.38 6.93
N ALA A 116 25.43 -16.52 7.78
CA ALA A 116 25.63 -15.11 7.43
C ALA A 116 26.41 -14.88 6.14
N GLN A 117 27.34 -15.75 5.81
CA GLN A 117 28.13 -15.57 4.60
C GLN A 117 27.89 -16.61 3.51
N ASN A 118 26.81 -17.38 3.65
CA ASN A 118 26.46 -18.39 2.66
C ASN A 118 25.42 -17.78 1.72
N THR A 119 25.85 -17.31 0.55
CA THR A 119 24.95 -16.69 -0.41
C THR A 119 23.81 -17.58 -0.91
N SER A 120 23.98 -18.90 -0.83
CA SER A 120 22.93 -19.78 -1.30
C SER A 120 21.90 -20.11 -0.22
N ALA A 121 22.11 -19.61 0.99
CA ALA A 121 21.18 -19.85 2.08
C ALA A 121 20.33 -18.64 2.44
N ASN A 122 20.55 -17.53 1.74
CA ASN A 122 19.82 -16.30 2.03
C ASN A 122 19.10 -15.72 0.81
N GLN A 123 18.12 -14.86 1.09
CA GLN A 123 17.33 -14.16 0.08
C GLN A 123 17.11 -12.75 0.58
N VAL A 124 18.07 -11.88 0.31
CA VAL A 124 17.96 -10.51 0.77
C VAL A 124 18.95 -9.60 0.08
N ILE A 125 18.50 -8.39 -0.19
CA ILE A 125 19.33 -7.37 -0.78
C ILE A 125 19.21 -6.26 0.24
N ALA A 126 20.34 -5.73 0.68
CA ALA A 126 20.30 -4.68 1.67
C ALA A 126 21.36 -3.63 1.47
N VAL A 127 21.06 -2.42 1.91
CA VAL A 127 22.00 -1.32 1.85
C VAL A 127 22.27 -1.02 3.31
N GLU A 128 23.49 -1.31 3.75
CA GLU A 128 23.86 -1.10 5.14
C GLU A 128 24.70 0.15 5.39
N PHE A 129 24.53 0.71 6.58
CA PHE A 129 25.29 1.87 7.04
C PHE A 129 25.88 1.31 8.32
N ASP A 130 27.11 0.80 8.17
CA ASP A 130 27.86 0.09 9.19
C ASP A 130 28.85 0.96 9.96
N THR A 131 28.65 1.08 11.27
CA THR A 131 29.53 1.90 12.10
C THR A 131 30.52 1.15 12.98
N PHE A 132 30.43 -0.18 12.99
CA PHE A 132 31.32 -0.98 13.85
C PHE A 132 32.02 -2.04 13.00
N TYR A 133 33.34 -2.08 13.05
CA TYR A 133 34.11 -3.01 12.24
C TYR A 133 35.23 -3.77 12.95
N ALA A 134 35.20 -3.83 14.27
CA ALA A 134 36.25 -4.55 15.01
C ALA A 134 36.42 -5.96 14.42
N GLN A 135 37.65 -6.28 14.04
CA GLN A 135 37.95 -7.56 13.41
C GLN A 135 37.78 -8.83 14.27
N ASP A 136 37.64 -8.68 15.58
CA ASP A 136 37.45 -9.84 16.42
C ASP A 136 36.05 -10.43 16.24
N SER A 137 35.07 -9.56 16.02
CA SER A 137 33.69 -9.99 15.85
C SER A 137 33.10 -9.76 14.45
N ASN A 138 33.48 -8.67 13.79
CA ASN A 138 32.99 -8.38 12.44
C ASN A 138 34.12 -8.66 11.45
N THR A 139 34.51 -9.92 11.36
CA THR A 139 35.61 -10.35 10.49
C THR A 139 35.40 -10.09 9.00
N TRP A 140 34.16 -9.94 8.59
CA TRP A 140 33.82 -9.72 7.19
C TRP A 140 33.93 -8.26 6.75
N ASP A 141 34.03 -7.35 7.71
CA ASP A 141 34.11 -5.91 7.42
C ASP A 141 35.45 -5.30 7.09
N PRO A 142 35.44 -4.25 6.24
CA PRO A 142 36.67 -3.56 5.89
C PRO A 142 37.00 -2.85 7.21
N ASN A 143 38.24 -2.42 7.40
CA ASN A 143 38.63 -1.80 8.66
C ASN A 143 38.30 -0.31 8.82
N TYR A 144 37.05 0.06 8.59
CA TYR A 144 36.58 1.44 8.72
C TYR A 144 35.07 1.52 8.55
N PRO A 145 34.44 2.62 9.02
CA PRO A 145 32.99 2.80 8.89
C PRO A 145 32.68 2.81 7.41
N HIS A 146 31.53 2.27 7.01
CA HIS A 146 31.22 2.20 5.60
C HIS A 146 29.76 2.01 5.26
N ILE A 147 29.47 2.22 3.99
CA ILE A 147 28.14 2.01 3.44
C ILE A 147 28.39 0.81 2.54
N GLY A 148 27.53 -0.19 2.59
CA GLY A 148 27.74 -1.34 1.74
C GLY A 148 26.47 -1.87 1.12
N ILE A 149 26.64 -2.61 0.03
CA ILE A 149 25.52 -3.23 -0.65
C ILE A 149 25.68 -4.73 -0.35
N ASP A 150 24.68 -5.30 0.31
CA ASP A 150 24.70 -6.71 0.70
C ASP A 150 23.73 -7.54 -0.14
N VAL A 151 24.25 -8.59 -0.76
CA VAL A 151 23.42 -9.48 -1.57
C VAL A 151 23.59 -10.88 -1.00
N ASN A 152 22.59 -11.33 -0.25
CA ASN A 152 22.58 -12.65 0.37
C ASN A 152 23.75 -12.95 1.31
N SER A 153 24.45 -11.91 1.78
CA SER A 153 25.57 -12.10 2.68
C SER A 153 25.89 -10.83 3.46
N ILE A 154 26.39 -10.98 4.68
CA ILE A 154 26.75 -9.85 5.51
C ILE A 154 28.05 -9.24 4.98
N ARG A 155 28.77 -10.00 4.16
CA ARG A 155 30.02 -9.51 3.57
C ARG A 155 29.61 -8.79 2.29
N SER A 156 29.53 -7.46 2.36
CA SER A 156 29.13 -6.62 1.24
C SER A 156 29.86 -6.92 -0.06
N VAL A 157 29.14 -6.87 -1.18
CA VAL A 157 29.74 -7.08 -2.48
C VAL A 157 30.43 -5.79 -2.92
N LYS A 158 30.04 -4.68 -2.30
CA LYS A 158 30.64 -3.39 -2.64
C LYS A 158 30.47 -2.44 -1.46
N THR A 159 31.53 -1.69 -1.12
CA THR A 159 31.45 -0.74 -0.02
C THR A 159 32.14 0.56 -0.36
N VAL A 160 31.89 1.58 0.46
CA VAL A 160 32.52 2.87 0.28
C VAL A 160 32.76 3.40 1.70
N LYS A 161 33.93 3.98 1.94
CA LYS A 161 34.22 4.52 3.27
C LYS A 161 33.20 5.59 3.58
N TRP A 162 32.73 5.60 4.81
CA TRP A 162 31.72 6.55 5.24
C TRP A 162 32.10 7.16 6.59
N ASP A 163 31.54 8.32 6.91
CA ASP A 163 31.84 8.99 8.17
C ASP A 163 30.60 9.07 9.04
N ARG A 164 30.69 8.52 10.24
CA ARG A 164 29.57 8.56 11.18
C ARG A 164 29.61 9.92 11.88
N ARG A 165 28.48 10.61 11.92
CA ARG A 165 28.40 11.90 12.59
C ARG A 165 27.28 11.84 13.61
N ASP A 166 27.64 11.82 14.88
CA ASP A 166 26.65 11.72 15.95
C ASP A 166 25.57 12.79 15.87
N GLY A 167 24.32 12.34 15.93
CA GLY A 167 23.19 13.26 15.90
C GLY A 167 22.87 13.97 14.60
N GLN A 168 23.62 13.71 13.53
CA GLN A 168 23.33 14.38 12.26
C GLN A 168 22.58 13.49 11.29
N SER A 169 21.51 14.03 10.70
CA SER A 169 20.69 13.27 9.75
C SER A 169 21.37 13.03 8.40
N LEU A 170 21.28 11.79 7.93
CA LEU A 170 21.86 11.43 6.63
C LEU A 170 20.69 11.21 5.68
N ASN A 171 20.73 11.89 4.55
CA ASN A 171 19.67 11.77 3.54
C ASN A 171 20.14 10.73 2.54
N VAL A 172 19.31 9.73 2.28
CA VAL A 172 19.68 8.66 1.37
C VAL A 172 18.70 8.42 0.24
N LEU A 173 19.25 8.16 -0.94
CA LEU A 173 18.44 7.85 -2.11
C LEU A 173 18.95 6.53 -2.68
N VAL A 174 18.07 5.52 -2.71
CA VAL A 174 18.44 4.21 -3.27
C VAL A 174 17.58 4.01 -4.50
N THR A 175 18.21 3.72 -5.63
CA THR A 175 17.50 3.54 -6.89
C THR A 175 17.91 2.28 -7.64
N PHE A 176 16.94 1.57 -8.20
CA PHE A 176 17.26 0.38 -9.00
C PHE A 176 16.68 0.60 -10.39
N ASN A 177 17.54 0.52 -11.39
CA ASN A 177 17.14 0.71 -12.78
C ASN A 177 17.15 -0.69 -13.44
N PRO A 178 15.98 -1.22 -13.79
CA PRO A 178 15.89 -2.54 -14.42
C PRO A 178 16.54 -2.62 -15.80
N SER A 179 16.66 -1.47 -16.46
CA SER A 179 17.25 -1.40 -17.79
C SER A 179 18.75 -1.68 -17.74
N THR A 180 19.43 -1.12 -16.75
CA THR A 180 20.88 -1.31 -16.59
C THR A 180 21.19 -2.30 -15.47
N ARG A 181 20.20 -2.57 -14.63
CA ARG A 181 20.34 -3.46 -13.49
C ARG A 181 21.26 -2.87 -12.42
N ASN A 182 21.42 -1.55 -12.44
CA ASN A 182 22.26 -0.91 -11.46
C ASN A 182 21.48 -0.47 -10.23
N LEU A 183 22.01 -0.82 -9.07
CA LEU A 183 21.43 -0.42 -7.79
C LEU A 183 22.34 0.71 -7.35
N ASP A 184 21.82 1.93 -7.32
CA ASP A 184 22.62 3.10 -6.94
C ASP A 184 22.24 3.65 -5.58
N VAL A 185 23.26 4.02 -4.82
CA VAL A 185 23.06 4.59 -3.49
C VAL A 185 23.77 5.94 -3.42
N VAL A 186 23.03 6.96 -2.99
CA VAL A 186 23.57 8.30 -2.85
C VAL A 186 23.15 8.76 -1.46
N ALA A 187 24.13 9.08 -0.62
CA ALA A 187 23.86 9.54 0.74
C ALA A 187 24.57 10.88 0.96
N THR A 188 23.89 11.82 1.60
CA THR A 188 24.49 13.13 1.83
C THR A 188 24.11 13.74 3.16
N TYR A 189 25.05 14.49 3.75
CA TYR A 189 24.77 15.21 4.99
C TYR A 189 24.32 16.60 4.54
N SER A 190 23.71 17.36 5.43
CA SER A 190 23.21 18.69 5.07
C SER A 190 24.26 19.68 4.58
N ASP A 191 25.53 19.45 4.91
CA ASP A 191 26.58 20.36 4.46
C ASP A 191 27.05 20.03 3.06
N GLY A 192 26.42 19.03 2.45
CA GLY A 192 26.81 18.65 1.09
C GLY A 192 27.73 17.46 0.95
N THR A 193 28.32 16.99 2.06
CA THR A 193 29.22 15.84 1.98
C THR A 193 28.41 14.69 1.36
N ARG A 194 28.93 14.13 0.28
CA ARG A 194 28.25 13.10 -0.48
C ARG A 194 28.99 11.76 -0.55
N TYR A 195 28.24 10.67 -0.52
CA TYR A 195 28.83 9.33 -0.61
C TYR A 195 28.06 8.55 -1.67
N GLU A 196 28.77 7.85 -2.54
CA GLU A 196 28.11 7.08 -3.59
C GLU A 196 28.66 5.68 -3.75
N VAL A 197 27.77 4.73 -4.00
CA VAL A 197 28.17 3.35 -4.22
C VAL A 197 27.09 2.71 -5.08
N SER A 198 27.52 1.88 -6.02
CA SER A 198 26.57 1.20 -6.89
C SER A 198 27.06 -0.19 -7.22
N TYR A 199 26.15 -1.02 -7.71
CA TYR A 199 26.49 -2.39 -8.04
C TYR A 199 25.44 -2.93 -9.00
N GLU A 200 25.88 -3.75 -9.95
CA GLU A 200 24.96 -4.32 -10.92
C GLU A 200 24.44 -5.63 -10.38
N VAL A 201 23.12 -5.78 -10.33
CA VAL A 201 22.52 -7.00 -9.82
C VAL A 201 21.18 -7.32 -10.48
N ASP A 202 21.00 -8.59 -10.82
CA ASP A 202 19.75 -9.05 -11.42
C ASP A 202 18.87 -9.53 -10.28
N VAL A 203 17.91 -8.69 -9.88
CA VAL A 203 17.03 -9.03 -8.78
C VAL A 203 16.24 -10.31 -8.96
N ARG A 204 15.92 -10.64 -10.21
CA ARG A 204 15.15 -11.86 -10.49
C ARG A 204 15.83 -13.13 -10.00
N SER A 205 17.16 -13.16 -10.00
CA SER A 205 17.87 -14.35 -9.56
C SER A 205 18.16 -14.37 -8.07
N VAL A 206 17.74 -13.33 -7.36
CA VAL A 206 17.97 -13.24 -5.92
C VAL A 206 16.71 -13.25 -5.07
N LEU A 207 15.69 -12.55 -5.55
CA LEU A 207 14.43 -12.45 -4.81
C LEU A 207 13.23 -12.98 -5.58
N PRO A 208 12.18 -13.38 -4.86
CA PRO A 208 10.96 -13.90 -5.48
C PRO A 208 10.23 -12.72 -6.16
N GLU A 209 9.15 -13.01 -6.87
CA GLU A 209 8.39 -11.97 -7.57
C GLU A 209 7.78 -10.93 -6.64
N TRP A 210 7.30 -11.35 -5.48
CA TRP A 210 6.72 -10.43 -4.51
C TRP A 210 7.62 -10.36 -3.29
N VAL A 211 7.81 -9.15 -2.78
CA VAL A 211 8.68 -8.94 -1.62
C VAL A 211 8.13 -7.88 -0.69
N ARG A 212 8.80 -7.69 0.43
CA ARG A 212 8.44 -6.63 1.35
C ARG A 212 9.70 -5.81 1.54
N VAL A 213 9.54 -4.52 1.82
CA VAL A 213 10.67 -3.63 2.02
C VAL A 213 10.60 -3.03 3.41
N GLY A 214 11.76 -2.71 3.97
CA GLY A 214 11.77 -2.12 5.29
C GLY A 214 13.17 -1.77 5.75
N PHE A 215 13.33 -1.64 7.07
CA PHE A 215 14.61 -1.29 7.68
C PHE A 215 14.90 -2.18 8.86
N SER A 216 16.18 -2.38 9.14
CA SER A 216 16.60 -3.21 10.25
C SER A 216 17.78 -2.53 10.90
N ALA A 217 17.92 -2.72 12.21
CA ALA A 217 19.02 -2.13 12.96
C ALA A 217 19.28 -2.99 14.19
N ALA A 218 20.51 -2.94 14.69
CA ALA A 218 20.89 -3.72 15.86
C ALA A 218 22.08 -3.12 16.60
N SER A 219 22.20 -3.50 17.86
CA SER A 219 23.32 -3.07 18.71
C SER A 219 23.72 -4.33 19.49
N GLY A 220 25.02 -4.60 19.53
CA GLY A 220 25.51 -5.75 20.27
C GLY A 220 26.01 -5.25 21.61
N GLU A 221 27.31 -5.43 21.88
CA GLU A 221 27.85 -4.96 23.15
C GLU A 221 28.08 -3.44 23.10
N GLN A 222 28.19 -2.91 21.89
CA GLN A 222 28.34 -1.46 21.69
C GLN A 222 26.97 -1.00 21.21
N TYR A 223 26.62 0.25 21.47
CA TYR A 223 25.30 0.73 21.10
C TYR A 223 25.17 2.17 20.66
N GLN A 224 24.00 2.48 20.11
CA GLN A 224 23.65 3.81 19.62
C GLN A 224 22.21 3.71 19.18
N THR A 225 21.53 4.84 19.12
CA THR A 225 20.14 4.83 18.67
C THR A 225 20.18 4.79 17.14
N HIS A 226 19.15 4.19 16.54
CA HIS A 226 19.04 4.13 15.08
C HIS A 226 17.66 4.72 14.79
N THR A 227 17.63 6.01 14.54
CA THR A 227 16.37 6.73 14.33
C THR A 227 16.00 6.99 12.87
N LEU A 228 14.92 6.35 12.42
CA LEU A 228 14.44 6.54 11.06
C LEU A 228 13.46 7.71 11.11
N GLU A 229 13.81 8.79 10.42
CA GLU A 229 13.03 10.02 10.44
C GLU A 229 11.98 10.22 9.35
N SER A 230 12.26 9.73 8.15
CA SER A 230 11.32 9.87 7.03
C SER A 230 11.60 8.76 6.03
N TRP A 231 10.62 8.46 5.20
CA TRP A 231 10.77 7.42 4.20
C TRP A 231 9.69 7.49 3.12
N SER A 232 10.13 7.43 1.87
CA SER A 232 9.21 7.42 0.74
C SER A 232 9.70 6.32 -0.18
N PHE A 233 8.76 5.63 -0.81
CA PHE A 233 9.12 4.53 -1.70
C PHE A 233 8.18 4.49 -2.88
N THR A 234 8.71 4.11 -4.04
CA THR A 234 7.90 3.99 -5.23
C THR A 234 8.48 2.90 -6.11
N SER A 235 7.63 2.11 -6.75
CA SER A 235 8.08 1.06 -7.64
C SER A 235 7.07 0.92 -8.77
N THR A 236 7.56 0.61 -9.97
CA THR A 236 6.71 0.46 -11.14
C THR A 236 7.27 -0.66 -12.01
N LEU A 237 6.43 -1.65 -12.36
CA LEU A 237 6.86 -2.74 -13.23
C LEU A 237 7.06 -2.19 -14.65
N LEU A 238 8.22 -2.43 -15.24
CA LEU A 238 8.51 -1.93 -16.58
C LEU A 238 9.03 -2.99 -17.55
N TYR A 239 8.85 -2.73 -18.85
CA TYR A 239 9.34 -3.62 -19.91
C TYR A 239 10.72 -3.10 -20.31
N THR A 240 11.74 -3.95 -20.21
CA THR A 240 13.09 -3.54 -20.57
C THR A 240 13.49 -4.09 -21.94
N ALA A 241 14.39 -3.39 -22.62
N PCA B 1 1.22 6.23 6.44
CA PCA B 1 1.78 7.19 5.45
CB PCA B 1 2.14 6.38 4.21
CG PCA B 1 1.29 5.17 4.26
CD PCA B 1 0.94 4.94 5.72
OE PCA B 1 0.32 3.94 6.08
C PCA B 1 0.82 8.32 5.09
O PCA B 1 -0.39 8.12 5.00
N ASP B 2 1.38 9.51 4.88
CA ASP B 2 0.60 10.68 4.49
C ASP B 2 0.09 10.55 3.06
N SER B 3 0.84 9.83 2.23
CA SER B 3 0.46 9.63 0.84
C SER B 3 0.58 8.16 0.44
N LEU B 4 -0.37 7.70 -0.37
CA LEU B 4 -0.40 6.32 -0.84
C LEU B 4 -0.95 6.31 -2.26
N SER B 5 -0.39 5.44 -3.09
CA SER B 5 -0.85 5.36 -4.47
C SER B 5 -0.60 3.96 -4.99
N PHE B 6 -1.50 3.47 -5.83
CA PHE B 6 -1.33 2.16 -6.43
C PHE B 6 -2.10 2.11 -7.74
N GLY B 7 -1.65 1.26 -8.65
CA GLY B 7 -2.33 1.18 -9.92
C GLY B 7 -2.41 -0.23 -10.46
N PHE B 8 -3.61 -0.60 -10.92
CA PHE B 8 -3.84 -1.91 -11.51
C PHE B 8 -4.29 -1.68 -12.96
N PRO B 9 -3.36 -1.64 -13.92
CA PRO B 9 -3.78 -1.45 -15.31
C PRO B 9 -4.68 -2.63 -15.71
N THR B 10 -4.39 -3.78 -15.12
CA THR B 10 -5.15 -5.02 -15.33
C THR B 10 -5.04 -5.78 -14.01
N PHE B 11 -5.73 -6.92 -13.91
CA PHE B 11 -5.70 -7.72 -12.69
C PHE B 11 -5.25 -9.15 -12.90
N PRO B 12 -3.93 -9.39 -12.94
CA PRO B 12 -3.41 -10.75 -13.13
C PRO B 12 -3.89 -11.65 -11.99
N SER B 13 -3.96 -12.94 -12.25
CA SER B 13 -4.41 -13.89 -11.25
C SER B 13 -3.59 -13.93 -9.95
N ASP B 14 -2.33 -13.51 -10.04
CA ASP B 14 -1.43 -13.53 -8.90
C ASP B 14 -1.49 -12.24 -8.06
N GLN B 15 -2.47 -12.17 -7.16
CA GLN B 15 -2.66 -10.99 -6.30
C GLN B 15 -2.26 -11.24 -4.85
N LYS B 16 -1.67 -10.22 -4.23
CA LYS B 16 -1.23 -10.32 -2.84
C LYS B 16 -1.85 -9.25 -1.95
N ASN B 17 -2.18 -8.10 -2.53
CA ASN B 17 -2.72 -6.99 -1.75
C ASN B 17 -4.22 -6.71 -1.86
N LEU B 18 -4.99 -7.70 -2.29
CA LEU B 18 -6.44 -7.51 -2.39
C LEU B 18 -7.15 -8.42 -1.42
N ILE B 19 -8.16 -7.87 -0.76
CA ILE B 19 -8.97 -8.65 0.17
C ILE B 19 -10.23 -9.00 -0.62
N PHE B 20 -10.46 -10.29 -0.82
CA PHE B 20 -11.63 -10.76 -1.56
C PHE B 20 -12.74 -11.13 -0.60
N GLN B 21 -13.93 -10.59 -0.82
CA GLN B 21 -15.05 -10.92 0.04
C GLN B 21 -16.21 -11.43 -0.82
N GLY B 22 -16.94 -12.40 -0.29
CA GLY B 22 -18.07 -12.95 -1.03
C GLY B 22 -17.65 -13.79 -2.22
N ASP B 23 -18.26 -13.54 -3.37
CA ASP B 23 -17.97 -14.30 -4.58
C ASP B 23 -16.93 -13.67 -5.49
N ALA B 24 -16.39 -12.53 -5.10
CA ALA B 24 -15.40 -11.86 -5.93
C ALA B 24 -14.18 -12.75 -6.21
N GLN B 25 -13.70 -12.70 -7.46
CA GLN B 25 -12.53 -13.46 -7.86
C GLN B 25 -11.99 -12.96 -9.19
N ILE B 26 -10.74 -13.30 -9.47
CA ILE B 26 -10.10 -12.89 -10.71
C ILE B 26 -10.31 -13.90 -11.83
N LYS B 27 -10.71 -13.40 -12.99
CA LYS B 27 -10.90 -14.22 -14.18
C LYS B 27 -10.55 -13.38 -15.39
N ASN B 28 -9.73 -13.93 -16.27
CA ASN B 28 -9.32 -13.25 -17.48
C ASN B 28 -8.75 -11.85 -17.25
N ASN B 29 -7.84 -11.74 -16.29
CA ASN B 29 -7.19 -10.47 -15.98
C ASN B 29 -8.11 -9.34 -15.54
N ALA B 30 -9.30 -9.71 -15.05
CA ALA B 30 -10.27 -8.73 -14.57
C ALA B 30 -10.89 -9.29 -13.30
N VAL B 31 -11.48 -8.41 -12.50
CA VAL B 31 -12.13 -8.85 -11.28
C VAL B 31 -13.61 -9.06 -11.54
N GLN B 32 -14.07 -10.28 -11.31
CA GLN B 32 -15.49 -10.60 -11.47
C GLN B 32 -16.07 -10.47 -10.06
N LEU B 33 -16.70 -9.33 -9.77
CA LEU B 33 -17.26 -9.11 -8.45
C LEU B 33 -18.37 -10.11 -8.12
N THR B 34 -19.24 -10.38 -9.08
CA THR B 34 -20.34 -11.32 -8.87
C THR B 34 -20.06 -12.64 -9.57
N LYS B 35 -20.59 -13.71 -8.98
CA LYS B 35 -20.39 -15.07 -9.50
C LYS B 35 -20.88 -15.34 -10.90
N THR B 36 -20.11 -16.16 -11.63
CA THR B 36 -20.43 -16.55 -13.00
C THR B 36 -20.24 -18.07 -13.09
N ASP B 37 -21.05 -18.74 -13.89
CA ASP B 37 -20.92 -20.19 -14.04
C ASP B 37 -19.68 -20.52 -14.85
N SER B 38 -19.54 -21.80 -15.21
CA SER B 38 -18.38 -22.25 -15.98
C SER B 38 -18.30 -21.58 -17.34
N ASN B 39 -19.45 -21.29 -17.93
CA ASN B 39 -19.50 -20.62 -19.24
C ASN B 39 -19.27 -19.13 -19.12
N GLY B 40 -19.09 -18.65 -17.88
CA GLY B 40 -18.86 -17.23 -17.67
C GLY B 40 -20.14 -16.42 -17.68
N ASN B 41 -21.28 -17.10 -17.58
CA ASN B 41 -22.57 -16.43 -17.56
C ASN B 41 -22.94 -16.05 -16.14
N PRO B 42 -23.57 -14.87 -15.96
CA PRO B 42 -23.99 -14.38 -14.64
C PRO B 42 -25.10 -15.23 -14.04
N VAL B 43 -25.14 -15.30 -12.71
CA VAL B 43 -26.16 -16.07 -12.00
C VAL B 43 -26.77 -15.19 -10.91
N ALA B 44 -27.97 -15.56 -10.47
CA ALA B 44 -28.67 -14.79 -9.45
C ALA B 44 -28.12 -15.01 -8.03
N SER B 45 -28.55 -14.16 -7.11
CA SER B 45 -28.16 -14.23 -5.71
C SER B 45 -26.67 -14.34 -5.46
N THR B 46 -25.95 -13.27 -5.79
CA THR B 46 -24.52 -13.24 -5.60
C THR B 46 -24.07 -11.85 -5.17
N VAL B 47 -23.09 -11.80 -4.28
CA VAL B 47 -22.54 -10.55 -3.79
C VAL B 47 -21.03 -10.74 -3.69
N GLY B 48 -20.27 -9.71 -4.06
CA GLY B 48 -18.82 -9.81 -3.99
C GLY B 48 -18.22 -8.43 -3.85
N ARG B 49 -17.09 -8.35 -3.13
CA ARG B 49 -16.40 -7.07 -2.95
C ARG B 49 -14.90 -7.31 -2.88
N ILE B 50 -14.12 -6.28 -3.16
CA ILE B 50 -12.66 -6.36 -3.02
C ILE B 50 -12.25 -5.07 -2.36
N LEU B 51 -11.18 -5.12 -1.57
CA LEU B 51 -10.66 -3.96 -0.88
C LEU B 51 -9.15 -4.01 -1.00
N PHE B 52 -8.49 -2.84 -1.06
CA PHE B 52 -7.04 -2.85 -1.12
C PHE B 52 -6.63 -3.11 0.34
N SER B 53 -5.62 -3.94 0.54
CA SER B 53 -5.20 -4.29 1.89
C SER B 53 -4.67 -3.16 2.75
N ALA B 54 -3.82 -2.30 2.19
CA ALA B 54 -3.27 -1.18 2.96
C ALA B 54 -4.34 -0.17 3.32
N GLN B 55 -4.35 0.28 4.57
CA GLN B 55 -5.32 1.27 5.00
C GLN B 55 -4.94 2.67 4.52
N VAL B 56 -5.96 3.46 4.19
CA VAL B 56 -5.74 4.82 3.71
C VAL B 56 -5.98 5.83 4.82
N HIS B 57 -5.05 6.78 4.99
CA HIS B 57 -5.21 7.78 6.04
C HIS B 57 -6.02 8.91 5.42
N LEU B 58 -7.34 8.86 5.62
CA LEU B 58 -8.28 9.84 5.07
C LEU B 58 -8.18 11.23 5.70
N TRP B 59 -8.00 11.28 7.01
CA TRP B 59 -7.86 12.57 7.70
C TRP B 59 -7.17 12.37 9.03
N GLU B 60 -6.62 13.46 9.57
CA GLU B 60 -5.88 13.39 10.81
C GLU B 60 -6.36 14.47 11.78
N LYS B 61 -6.99 14.03 12.86
CA LYS B 61 -7.53 14.95 13.86
C LYS B 61 -6.47 15.85 14.50
N SER B 62 -5.31 15.28 14.80
CA SER B 62 -4.22 16.02 15.43
C SER B 62 -3.61 17.15 14.61
N SER B 63 -3.69 17.06 13.29
CA SER B 63 -3.09 18.09 12.44
C SER B 63 -4.10 18.84 11.58
N SER B 64 -5.38 18.56 11.76
CA SER B 64 -6.42 19.20 10.97
C SER B 64 -6.25 19.02 9.47
N ARG B 65 -5.66 17.89 9.07
CA ARG B 65 -5.47 17.62 7.64
C ARG B 65 -6.51 16.65 7.12
N VAL B 66 -6.83 16.78 5.84
CA VAL B 66 -7.80 15.91 5.19
C VAL B 66 -7.21 15.52 3.85
N ALA B 67 -7.37 14.26 3.47
CA ALA B 67 -6.80 13.80 2.21
C ALA B 67 -7.50 14.26 0.94
N ASN B 68 -6.68 14.48 -0.07
CA ASN B 68 -7.14 14.82 -1.41
C ASN B 68 -6.91 13.46 -2.09
N PHE B 69 -7.95 12.87 -2.65
CA PHE B 69 -7.75 11.58 -3.32
C PHE B 69 -8.43 11.50 -4.66
N GLN B 70 -7.97 10.56 -5.48
CA GLN B 70 -8.53 10.36 -6.81
C GLN B 70 -8.58 8.87 -7.06
N SER B 71 -9.68 8.41 -7.65
CA SER B 71 -9.83 7.00 -7.96
C SER B 71 -10.31 6.91 -9.40
N GLN B 72 -9.51 6.27 -10.24
CA GLN B 72 -9.84 6.13 -11.66
C GLN B 72 -10.05 4.64 -11.88
N PHE B 73 -11.14 4.28 -12.56
CA PHE B 73 -11.40 2.87 -12.81
C PHE B 73 -12.32 2.66 -14.00
N SER B 74 -12.35 1.43 -14.51
CA SER B 74 -13.19 1.11 -15.64
C SER B 74 -13.86 -0.24 -15.37
N PHE B 75 -15.10 -0.37 -15.81
CA PHE B 75 -15.83 -1.62 -15.62
C PHE B 75 -16.81 -1.79 -16.76
N SER B 76 -17.34 -3.01 -16.89
CA SER B 76 -18.32 -3.31 -17.92
C SER B 76 -19.35 -4.25 -17.30
N LEU B 77 -20.57 -4.15 -17.78
CA LEU B 77 -21.66 -4.99 -17.28
C LEU B 77 -22.23 -5.75 -18.46
N LYS B 78 -22.58 -7.01 -18.25
CA LYS B 78 -23.13 -7.81 -19.34
C LYS B 78 -24.22 -8.73 -18.82
N SER B 79 -25.31 -8.84 -19.57
CA SER B 79 -26.41 -9.72 -19.18
C SER B 79 -27.32 -10.03 -20.36
N PRO B 80 -27.75 -11.30 -20.48
CA PRO B 80 -28.65 -11.70 -21.56
C PRO B 80 -30.08 -11.19 -21.28
N LEU B 81 -30.32 -10.81 -20.04
CA LEU B 81 -31.64 -10.31 -19.60
C LEU B 81 -31.89 -8.88 -20.05
N SER B 82 -33.15 -8.49 -20.14
CA SER B 82 -33.49 -7.14 -20.53
C SER B 82 -33.27 -6.16 -19.36
N ASN B 83 -33.29 -6.68 -18.13
CA ASN B 83 -33.09 -5.84 -16.95
C ASN B 83 -32.00 -6.36 -16.01
N GLY B 84 -30.75 -6.32 -16.46
CA GLY B 84 -29.65 -6.77 -15.63
C GLY B 84 -29.60 -6.00 -14.33
N ALA B 85 -29.21 -6.68 -13.25
CA ALA B 85 -29.14 -6.06 -11.92
C ALA B 85 -27.95 -6.66 -11.16
N ASP B 86 -27.54 -6.03 -10.05
CA ASP B 86 -28.14 -4.80 -9.52
C ASP B 86 -27.28 -3.56 -9.67
N GLY B 87 -25.97 -3.76 -9.83
CA GLY B 87 -25.09 -2.62 -9.97
C GLY B 87 -23.76 -2.80 -9.25
N ILE B 88 -22.86 -1.85 -9.49
CA ILE B 88 -21.54 -1.88 -8.90
C ILE B 88 -21.27 -0.54 -8.21
N ALA B 89 -20.47 -0.58 -7.16
CA ALA B 89 -20.14 0.64 -6.43
C ALA B 89 -18.71 0.70 -5.97
N PHE B 90 -18.16 1.91 -6.01
CA PHE B 90 -16.82 2.18 -5.51
C PHE B 90 -17.16 2.70 -4.11
N PHE B 91 -16.50 2.20 -3.07
CA PHE B 91 -16.82 2.68 -1.75
C PHE B 91 -15.65 2.86 -0.81
N ILE B 92 -15.90 3.59 0.26
CA ILE B 92 -14.91 3.89 1.29
C ILE B 92 -15.60 3.58 2.62
N ALA B 93 -14.97 2.75 3.44
CA ALA B 93 -15.57 2.36 4.71
C ALA B 93 -14.49 2.06 5.75
N PRO B 94 -14.91 1.77 7.01
CA PRO B 94 -13.95 1.47 8.06
C PRO B 94 -13.15 0.24 7.63
N PRO B 95 -11.88 0.13 8.08
CA PRO B 95 -11.01 -1.00 7.73
C PRO B 95 -11.56 -2.40 7.95
N ASP B 96 -12.37 -2.58 8.99
CA ASP B 96 -12.93 -3.88 9.32
C ASP B 96 -14.26 -4.21 8.64
N THR B 97 -14.61 -3.47 7.61
CA THR B 97 -15.87 -3.69 6.91
C THR B 97 -16.00 -5.08 6.26
N THR B 98 -17.16 -5.69 6.44
CA THR B 98 -17.46 -7.00 5.86
C THR B 98 -18.84 -6.93 5.20
N ILE B 99 -19.17 -7.92 4.39
CA ILE B 99 -20.47 -7.94 3.73
C ILE B 99 -21.59 -8.12 4.75
N PRO B 100 -22.48 -7.14 4.87
CA PRO B 100 -23.60 -7.22 5.82
C PRO B 100 -24.56 -8.36 5.46
N SER B 101 -25.15 -8.98 6.47
CA SER B 101 -26.08 -10.09 6.24
C SER B 101 -27.29 -9.61 5.44
N GLY B 102 -27.62 -10.34 4.39
CA GLY B 102 -28.76 -9.99 3.54
C GLY B 102 -28.60 -8.71 2.75
N SER B 103 -27.36 -8.31 2.46
CA SER B 103 -27.09 -7.08 1.73
C SER B 103 -27.10 -7.25 0.21
N GLY B 104 -27.57 -8.40 -0.26
CA GLY B 104 -27.59 -8.65 -1.69
C GLY B 104 -28.61 -7.81 -2.44
N GLY B 105 -28.80 -8.13 -3.71
CA GLY B 105 -29.76 -7.40 -4.52
C GLY B 105 -29.54 -5.90 -4.57
N GLY B 106 -30.63 -5.16 -4.43
CA GLY B 106 -30.55 -3.70 -4.48
C GLY B 106 -29.73 -3.02 -3.40
N LEU B 107 -29.30 -3.78 -2.39
CA LEU B 107 -28.49 -3.19 -1.32
C LEU B 107 -27.01 -3.15 -1.71
N LEU B 108 -26.70 -3.73 -2.86
CA LEU B 108 -25.35 -3.74 -3.44
C LEU B 108 -24.21 -4.30 -2.59
N GLY B 109 -24.54 -5.07 -1.56
CA GLY B 109 -23.52 -5.62 -0.70
C GLY B 109 -22.94 -4.60 0.26
N LEU B 110 -23.59 -3.45 0.37
CA LEU B 110 -23.13 -2.37 1.23
C LEU B 110 -23.95 -2.13 2.50
N PHE B 111 -25.25 -2.44 2.46
CA PHE B 111 -26.09 -2.20 3.63
C PHE B 111 -26.94 -3.39 4.05
N ALA B 112 -27.30 -3.43 5.33
CA ALA B 112 -28.15 -4.47 5.87
C ALA B 112 -29.57 -3.94 5.68
N PRO B 113 -30.53 -4.82 5.39
CA PRO B 113 -31.92 -4.39 5.16
C PRO B 113 -32.52 -3.56 6.29
N GLY B 114 -32.26 -3.95 7.53
CA GLY B 114 -32.81 -3.22 8.66
C GLY B 114 -32.40 -1.78 8.83
N THR B 115 -31.22 -1.42 8.36
CA THR B 115 -30.74 -0.04 8.52
C THR B 115 -30.21 0.60 7.24
N ALA B 116 -30.58 0.03 6.09
CA ALA B 116 -30.12 0.54 4.80
C ALA B 116 -30.42 2.02 4.55
N GLN B 117 -31.42 2.56 5.24
CA GLN B 117 -31.76 3.97 5.05
C GLN B 117 -31.61 4.79 6.32
N ASN B 118 -30.97 4.22 7.33
CA ASN B 118 -30.75 4.91 8.59
C ASN B 118 -29.32 5.48 8.54
N THR B 119 -29.20 6.76 8.20
CA THR B 119 -27.89 7.40 8.07
C THR B 119 -27.08 7.41 9.36
N SER B 120 -27.71 7.04 10.47
CA SER B 120 -27.04 7.04 11.76
C SER B 120 -26.39 5.70 12.09
N ALA B 121 -26.80 4.64 11.40
CA ALA B 121 -26.27 3.32 11.66
C ALA B 121 -25.17 2.88 10.68
N ASN B 122 -24.82 3.74 9.74
CA ASN B 122 -23.80 3.39 8.75
C ASN B 122 -22.64 4.36 8.68
N GLN B 123 -21.53 3.87 8.16
CA GLN B 123 -20.32 4.67 7.97
C GLN B 123 -19.77 4.25 6.62
N VAL B 124 -20.25 4.90 5.57
CA VAL B 124 -19.80 4.56 4.23
C VAL B 124 -20.13 5.64 3.23
N ILE B 125 -19.20 5.86 2.30
CA ILE B 125 -19.40 6.79 1.22
C ILE B 125 -19.20 5.92 0.00
N ALA B 126 -20.13 5.97 -0.94
CA ALA B 126 -20.03 5.16 -2.14
C ALA B 126 -20.61 5.85 -3.34
N VAL B 127 -20.05 5.51 -4.50
CA VAL B 127 -20.52 6.02 -5.78
C VAL B 127 -21.08 4.77 -6.46
N GLU B 128 -22.39 4.76 -6.68
CA GLU B 128 -23.04 3.61 -7.31
C GLU B 128 -23.45 3.83 -8.75
N PHE B 129 -23.45 2.74 -9.52
CA PHE B 129 -23.88 2.72 -10.90
C PHE B 129 -24.98 1.66 -10.79
N ASP B 130 -26.19 2.16 -10.64
CA ASP B 130 -27.38 1.35 -10.38
C ASP B 130 -28.20 1.10 -11.63
N THR B 131 -28.34 -0.18 -11.99
CA THR B 131 -29.07 -0.55 -13.20
C THR B 131 -30.49 -1.09 -12.96
N PHE B 132 -30.85 -1.32 -11.71
CA PHE B 132 -32.17 -1.87 -11.40
C PHE B 132 -32.92 -0.90 -10.50
N TYR B 133 -34.11 -0.51 -10.93
CA TYR B 133 -34.90 0.48 -10.18
C TYR B 133 -36.40 0.18 -10.08
N ALA B 134 -36.78 -1.10 -10.13
CA ALA B 134 -38.19 -1.46 -10.01
C ALA B 134 -38.76 -0.75 -8.79
N GLN B 135 -39.73 0.12 -9.02
CA GLN B 135 -40.35 0.90 -7.95
C GLN B 135 -41.05 0.05 -6.89
N ASP B 136 -41.15 -1.25 -7.13
CA ASP B 136 -41.80 -2.15 -6.18
C ASP B 136 -40.83 -2.76 -5.17
N SER B 137 -39.57 -2.93 -5.56
CA SER B 137 -38.58 -3.49 -4.65
C SER B 137 -37.54 -2.46 -4.24
N ASN B 138 -37.01 -1.70 -5.21
CA ASN B 138 -36.04 -0.67 -4.90
C ASN B 138 -36.83 0.65 -4.79
N THR B 139 -37.66 0.72 -3.76
CA THR B 139 -38.52 1.88 -3.52
C THR B 139 -37.79 3.21 -3.33
N TRP B 140 -36.51 3.12 -2.96
CA TRP B 140 -35.69 4.31 -2.73
C TRP B 140 -35.07 4.91 -3.99
N ASP B 141 -35.10 4.16 -5.09
CA ASP B 141 -34.53 4.64 -6.35
C ASP B 141 -35.42 5.48 -7.24
N PRO B 142 -34.80 6.36 -8.04
CA PRO B 142 -35.52 7.22 -8.98
C PRO B 142 -35.93 6.19 -10.04
N ASN B 143 -36.90 6.51 -10.89
CA ASN B 143 -37.33 5.51 -11.87
C ASN B 143 -36.56 5.44 -13.17
N TYR B 144 -35.25 5.14 -13.06
CA TYR B 144 -34.38 5.03 -14.22
C TYR B 144 -32.96 4.64 -13.79
N PRO B 145 -32.16 4.07 -14.71
CA PRO B 145 -30.79 3.69 -14.36
C PRO B 145 -30.07 4.99 -13.98
N HIS B 146 -29.22 4.94 -12.97
CA HIS B 146 -28.56 6.15 -12.51
C HIS B 146 -27.22 5.96 -11.84
N ILE B 147 -26.50 7.09 -11.73
CA ILE B 147 -25.24 7.12 -11.02
C ILE B 147 -25.65 7.82 -9.74
N GLY B 148 -25.23 7.29 -8.59
CA GLY B 148 -25.61 7.94 -7.36
C GLY B 148 -24.49 8.06 -6.34
N ILE B 149 -24.60 9.07 -5.50
CA ILE B 149 -23.62 9.27 -4.43
C ILE B 149 -24.37 8.88 -3.17
N ASP B 150 -23.83 7.89 -2.47
CA ASP B 150 -24.45 7.37 -1.27
C ASP B 150 -23.64 7.75 -0.04
N VAL B 151 -24.28 8.42 0.91
CA VAL B 151 -23.61 8.79 2.15
C VAL B 151 -24.43 8.19 3.30
N ASN B 152 -23.96 7.05 3.79
CA ASN B 152 -24.59 6.33 4.90
C ASN B 152 -26.01 5.82 4.65
N SER B 153 -26.42 5.82 3.38
CA SER B 153 -27.76 5.34 3.03
C SER B 153 -27.85 4.87 1.58
N ILE B 154 -28.68 3.86 1.35
CA ILE B 154 -28.86 3.33 -0.01
C ILE B 154 -29.70 4.34 -0.82
N ARG B 155 -30.37 5.25 -0.12
CA ARG B 155 -31.15 6.29 -0.81
C ARG B 155 -30.12 7.38 -1.05
N SER B 156 -29.65 7.47 -2.29
CA SER B 156 -28.64 8.44 -2.68
C SER B 156 -28.96 9.89 -2.33
N VAL B 157 -27.95 10.62 -1.88
CA VAL B 157 -28.13 12.03 -1.55
C VAL B 157 -28.28 12.77 -2.87
N LYS B 158 -27.87 12.10 -3.95
CA LYS B 158 -27.97 12.67 -5.28
C LYS B 158 -27.79 11.64 -6.38
N THR B 159 -28.55 11.81 -7.47
CA THR B 159 -28.45 10.90 -8.61
C THR B 159 -28.57 11.70 -9.90
N VAL B 160 -28.07 11.12 -10.99
CA VAL B 160 -28.17 11.72 -12.31
C VAL B 160 -28.51 10.56 -13.23
N LYS B 161 -29.27 10.82 -14.29
CA LYS B 161 -29.66 9.76 -15.21
C LYS B 161 -28.44 9.21 -15.93
N TRP B 162 -28.40 7.89 -16.03
CA TRP B 162 -27.30 7.20 -16.65
C TRP B 162 -27.82 6.14 -17.62
N ASP B 163 -27.05 5.88 -18.67
CA ASP B 163 -27.42 4.91 -19.69
C ASP B 163 -26.59 3.64 -19.52
N ARG B 164 -27.25 2.49 -19.35
CA ARG B 164 -26.55 1.21 -19.21
C ARG B 164 -26.28 0.70 -20.63
N ARG B 165 -25.04 0.34 -20.92
CA ARG B 165 -24.70 -0.19 -22.25
C ARG B 165 -24.02 -1.53 -22.05
N ASP B 166 -24.73 -2.58 -22.49
CA ASP B 166 -24.23 -3.94 -22.32
C ASP B 166 -22.88 -4.17 -22.99
N GLY B 167 -21.94 -4.70 -22.23
CA GLY B 167 -20.63 -5.01 -22.77
C GLY B 167 -19.69 -3.86 -23.07
N GLN B 168 -20.10 -2.63 -22.81
CA GLN B 168 -19.25 -1.48 -23.07
C GLN B 168 -18.60 -0.98 -21.79
N SER B 169 -17.30 -0.69 -21.86
CA SER B 169 -16.56 -0.22 -20.69
C SER B 169 -16.86 1.23 -20.36
N LEU B 170 -17.07 1.51 -19.08
CA LEU B 170 -17.32 2.86 -18.62
C LEU B 170 -16.07 3.29 -17.84
N ASN B 171 -15.50 4.42 -18.21
CA ASN B 171 -14.34 4.94 -17.49
C ASN B 171 -14.82 5.98 -16.51
N VAL B 172 -14.38 5.86 -15.27
CA VAL B 172 -14.82 6.76 -14.20
C VAL B 172 -13.68 7.37 -13.41
N LEU B 173 -13.83 8.65 -13.08
CA LEU B 173 -12.86 9.35 -12.26
C LEU B 173 -13.61 9.95 -11.07
N VAL B 174 -13.25 9.53 -9.87
CA VAL B 174 -13.87 10.05 -8.65
C VAL B 174 -12.78 10.84 -7.92
N THR B 175 -13.06 12.09 -7.59
CA THR B 175 -12.07 12.92 -6.91
C THR B 175 -12.69 13.65 -5.73
N PHE B 176 -11.89 13.89 -4.70
CA PHE B 176 -12.34 14.63 -3.53
C PHE B 176 -11.31 15.71 -3.24
N ASN B 177 -11.79 16.94 -3.15
CA ASN B 177 -10.94 18.10 -2.88
C ASN B 177 -11.30 18.57 -1.47
N PRO B 178 -10.38 18.42 -0.50
CA PRO B 178 -10.62 18.84 0.89
C PRO B 178 -10.82 20.34 1.08
N SER B 179 -10.34 21.15 0.15
CA SER B 179 -10.49 22.60 0.25
C SER B 179 -11.94 23.01 0.02
N THR B 180 -12.57 22.41 -0.99
CA THR B 180 -13.95 22.73 -1.32
C THR B 180 -14.90 21.66 -0.77
N ARG B 181 -14.35 20.54 -0.32
CA ARG B 181 -15.13 19.43 0.20
C ARG B 181 -16.05 18.87 -0.88
N ASN B 182 -15.68 19.09 -2.13
CA ASN B 182 -16.47 18.59 -3.24
C ASN B 182 -16.02 17.21 -3.68
N LEU B 183 -16.97 16.29 -3.77
CA LEU B 183 -16.73 14.93 -4.25
C LEU B 183 -17.26 14.97 -5.68
N ASP B 184 -16.37 14.85 -6.65
CA ASP B 184 -16.78 14.90 -8.05
C ASP B 184 -16.69 13.56 -8.76
N VAL B 185 -17.69 13.28 -9.58
CA VAL B 185 -17.73 12.04 -10.35
C VAL B 185 -17.87 12.40 -11.82
N VAL B 186 -17.02 11.82 -12.65
CA VAL B 186 -17.07 12.04 -14.09
C VAL B 186 -16.93 10.66 -14.72
N ALA B 187 -17.90 10.29 -15.54
CA ALA B 187 -17.86 8.97 -16.17
C ALA B 187 -18.09 9.14 -17.67
N THR B 188 -17.39 8.34 -18.47
CA THR B 188 -17.52 8.45 -19.91
C THR B 188 -17.49 7.09 -20.62
N TYR B 189 -18.19 7.02 -21.76
CA TYR B 189 -18.15 5.82 -22.59
C TYR B 189 -17.15 6.17 -23.69
N SER B 190 -16.69 5.16 -24.41
CA SER B 190 -15.68 5.38 -25.46
C SER B 190 -16.11 6.28 -26.62
N ASP B 191 -17.41 6.56 -26.74
CA ASP B 191 -17.88 7.42 -27.82
C ASP B 191 -17.95 8.88 -27.38
N GLY B 192 -17.50 9.15 -26.17
CA GLY B 192 -17.52 10.51 -25.68
C GLY B 192 -18.71 10.91 -24.81
N THR B 193 -19.68 10.01 -24.67
CA THR B 193 -20.85 10.31 -23.85
C THR B 193 -20.35 10.50 -22.42
N ARG B 194 -20.75 11.61 -21.81
CA ARG B 194 -20.28 11.95 -20.47
C ARG B 194 -21.36 12.18 -19.43
N TYR B 195 -21.07 11.79 -18.19
CA TYR B 195 -22.00 11.98 -17.08
C TYR B 195 -21.19 12.62 -15.95
N GLU B 196 -21.77 13.61 -15.28
CA GLU B 196 -21.09 14.27 -14.18
C GLU B 196 -22.05 14.52 -13.03
N VAL B 197 -21.56 14.34 -11.81
CA VAL B 197 -22.36 14.59 -10.62
C VAL B 197 -21.40 14.98 -9.51
N SER B 198 -21.80 15.96 -8.71
CA SER B 198 -20.96 16.43 -7.62
C SER B 198 -21.74 16.65 -6.34
N TYR B 199 -21.07 16.49 -5.20
CA TYR B 199 -21.72 16.68 -3.91
C TYR B 199 -20.72 17.17 -2.87
N GLU B 200 -21.14 18.13 -2.05
CA GLU B 200 -20.26 18.65 -1.02
C GLU B 200 -20.46 17.85 0.26
N VAL B 201 -19.38 17.29 0.77
CA VAL B 201 -19.47 16.50 1.98
C VAL B 201 -18.18 16.58 2.81
N ASP B 202 -18.33 16.70 4.12
CA ASP B 202 -17.18 16.76 5.01
C ASP B 202 -16.95 15.30 5.42
N VAL B 203 -15.94 14.67 4.85
CA VAL B 203 -15.68 13.26 5.14
C VAL B 203 -15.35 12.99 6.62
N ARG B 204 -14.83 13.99 7.31
CA ARG B 204 -14.47 13.84 8.72
C ARG B 204 -15.67 13.50 9.61
N SER B 205 -16.85 13.96 9.23
CA SER B 205 -18.04 13.70 10.03
C SER B 205 -18.76 12.42 9.62
N VAL B 206 -18.22 11.72 8.63
CA VAL B 206 -18.83 10.48 8.15
C VAL B 206 -17.96 9.25 8.35
N LEU B 207 -16.65 9.40 8.13
CA LEU B 207 -15.73 8.28 8.23
C LEU B 207 -14.60 8.47 9.24
N PRO B 208 -14.04 7.36 9.75
CA PRO B 208 -12.93 7.41 10.70
C PRO B 208 -11.67 7.91 9.98
N GLU B 209 -10.62 8.19 10.75
CA GLU B 209 -9.36 8.68 10.19
C GLU B 209 -8.72 7.72 9.20
N TRP B 210 -8.77 6.42 9.50
CA TRP B 210 -8.22 5.41 8.60
C TRP B 210 -9.35 4.58 8.00
N VAL B 211 -9.29 4.38 6.69
CA VAL B 211 -10.32 3.62 6.00
C VAL B 211 -9.71 2.68 4.97
N ARG B 212 -10.56 1.87 4.37
CA ARG B 212 -10.16 0.98 3.29
C ARG B 212 -11.05 1.36 2.11
N VAL B 213 -10.54 1.18 0.90
CA VAL B 213 -11.29 1.52 -0.30
C VAL B 213 -11.42 0.30 -1.18
N GLY B 214 -12.52 0.22 -1.92
CA GLY B 214 -12.72 -0.92 -2.80
C GLY B 214 -13.99 -0.84 -3.60
N PHE B 215 -14.42 -2.01 -4.10
CA PHE B 215 -15.62 -2.07 -4.91
C PHE B 215 -16.56 -3.16 -4.42
N SER B 216 -17.84 -2.98 -4.72
CA SER B 216 -18.85 -3.93 -4.31
C SER B 216 -19.89 -4.06 -5.42
N ALA B 217 -20.47 -5.24 -5.57
CA ALA B 217 -21.49 -5.46 -6.59
C ALA B 217 -22.38 -6.60 -6.11
N ALA B 218 -23.57 -6.67 -6.66
CA ALA B 218 -24.49 -7.73 -6.27
C ALA B 218 -25.57 -7.93 -7.32
N SER B 219 -26.19 -9.11 -7.27
CA SER B 219 -27.29 -9.47 -8.15
C SER B 219 -28.30 -10.19 -7.27
N GLY B 220 -29.57 -9.86 -7.41
CA GLY B 220 -30.61 -10.51 -6.64
C GLY B 220 -31.33 -11.50 -7.54
N GLU B 221 -32.61 -11.22 -7.80
CA GLU B 221 -33.43 -12.07 -8.68
C GLU B 221 -32.97 -11.86 -10.12
N GLN B 222 -32.55 -10.64 -10.44
CA GLN B 222 -32.06 -10.34 -11.78
C GLN B 222 -30.55 -10.28 -11.68
N TYR B 223 -29.86 -10.52 -12.79
CA TYR B 223 -28.41 -10.57 -12.75
C TYR B 223 -27.67 -10.06 -13.97
N GLN B 224 -26.37 -9.87 -13.79
CA GLN B 224 -25.46 -9.38 -14.82
C GLN B 224 -24.07 -9.53 -14.23
N THR B 225 -23.05 -9.57 -15.10
CA THR B 225 -21.69 -9.65 -14.59
C THR B 225 -21.29 -8.22 -14.25
N HIS B 226 -20.42 -8.08 -13.25
CA HIS B 226 -19.91 -6.77 -12.86
C HIS B 226 -18.41 -6.96 -12.91
N THR B 227 -17.80 -6.51 -14.01
CA THR B 227 -16.39 -6.70 -14.25
C THR B 227 -15.51 -5.46 -14.10
N LEU B 228 -14.66 -5.47 -13.09
CA LEU B 228 -13.75 -4.36 -12.86
C LEU B 228 -12.53 -4.66 -13.71
N GLU B 229 -12.24 -3.76 -14.64
CA GLU B 229 -11.14 -3.93 -15.58
C GLU B 229 -9.82 -3.27 -15.23
N SER B 230 -9.86 -2.13 -14.55
CA SER B 230 -8.65 -1.43 -14.15
C SER B 230 -8.97 -0.51 -12.98
N TRP B 231 -7.94 -0.10 -12.25
CA TRP B 231 -8.13 0.78 -11.10
C TRP B 231 -6.82 1.40 -10.61
N SER B 232 -6.82 2.73 -10.47
CA SER B 232 -5.64 3.43 -9.96
C SER B 232 -6.18 4.34 -8.86
N PHE B 233 -5.43 4.47 -7.78
CA PHE B 233 -5.86 5.28 -6.64
C PHE B 233 -4.68 6.04 -6.07
N THR B 234 -4.95 7.26 -5.61
CA THR B 234 -3.91 8.08 -5.00
C THR B 234 -4.55 8.99 -3.98
N SER B 235 -3.88 9.16 -2.83
CA SER B 235 -4.38 10.02 -1.77
C SER B 235 -3.19 10.66 -1.07
N THR B 236 -3.37 11.92 -0.66
CA THR B 236 -2.32 12.66 0.03
C THR B 236 -2.96 13.60 1.05
N LEU B 237 -2.45 13.58 2.27
CA LEU B 237 -2.97 14.46 3.32
C LEU B 237 -2.55 15.90 3.07
N LEU B 238 -3.53 16.80 3.12
CA LEU B 238 -3.30 18.23 2.90
C LEU B 238 -3.85 19.10 4.03
N TYR B 239 -3.28 20.29 4.18
CA TYR B 239 -3.72 21.23 5.21
C TYR B 239 -4.98 21.95 4.75
N THR B 240 -5.90 22.18 5.68
CA THR B 240 -7.16 22.86 5.38
C THR B 240 -7.46 23.93 6.42
N ALA B 241 -7.84 25.12 5.95
C1 MMA C . 33.73 -5.87 21.37
C2 MMA C . 32.82 -6.41 20.26
C3 MMA C . 31.99 -7.57 20.81
C4 MMA C . 32.90 -8.64 21.40
C5 MMA C . 33.82 -8.01 22.45
C6 MMA C . 34.83 -8.99 23.02
C7 MMA C . 33.63 -4.71 23.46
O1 MMA C . 32.95 -5.40 22.42
O2 MMA C . 33.61 -6.88 19.18
O3 MMA C . 31.18 -8.14 19.77
O4 MMA C . 32.12 -9.66 21.99
O5 MMA C . 34.57 -6.91 21.87
O6 MMA C . 35.52 -9.66 21.97
C1 MAN C . 29.81 -7.94 19.91
C2 MAN C . 29.08 -8.71 18.82
C3 MAN C . 29.29 -8.06 17.45
C4 MAN C . 28.95 -6.57 17.49
C5 MAN C . 29.74 -5.90 18.62
C6 MAN C . 29.42 -4.43 18.79
O2 MAN C . 27.67 -8.76 19.13
O3 MAN C . 28.50 -8.71 16.47
O4 MAN C . 29.29 -5.97 16.26
O5 MAN C . 29.44 -6.56 19.88
O6 MAN C . 28.08 -4.23 19.20
C1 NAG C . 27.11 -10.03 19.11
C2 NAG C . 25.79 -10.02 19.88
C3 NAG C . 25.07 -11.37 19.74
C4 NAG C . 24.96 -11.78 18.26
C5 NAG C . 26.34 -11.71 17.59
C6 NAG C . 26.29 -12.02 16.12
C7 NAG C . 25.30 -8.94 21.98
C8 NAG C . 25.68 -8.72 23.44
N2 NAG C . 26.07 -9.77 21.28
O3 NAG C . 23.77 -11.26 20.29
O4 NAG C . 24.45 -13.10 18.18
O5 NAG C . 26.88 -10.38 17.73
O6 NAG C . 27.59 -12.32 15.61
O7 NAG C . 24.32 -8.37 21.52
C1 MMA D . -38.27 -8.75 -9.22
C2 MMA D . -37.37 -8.03 -8.21
C3 MMA D . -37.17 -8.93 -6.98
C4 MMA D . -38.52 -9.32 -6.39
C5 MMA D . -39.38 -10.00 -7.47
C6 MMA D . -40.77 -10.31 -6.96
C7 MMA D . -38.20 -10.53 -10.80
O1 MMA D . -37.64 -9.91 -9.66
O2 MMA D . -37.97 -6.80 -7.81
O3 MMA D . -36.38 -8.25 -5.99
O4 MMA D . -38.33 -10.21 -5.30
O5 MMA D . -39.52 -9.11 -8.60
O6 MMA D . -41.53 -9.12 -6.83
C1 MAN D . -35.13 -8.82 -5.77
C2 MAN D . -34.45 -8.12 -4.59
C3 MAN D . -34.03 -6.69 -4.98
C4 MAN D . -33.21 -6.69 -6.27
C5 MAN D . -34.00 -7.42 -7.37
C6 MAN D . -33.25 -7.53 -8.69
O2 MAN D . -33.31 -8.88 -4.16
O3 MAN D . -33.25 -6.11 -3.93
O4 MAN D . -32.96 -5.35 -6.66
O5 MAN D . -34.30 -8.77 -6.93
O6 MAN D . -32.07 -8.31 -8.55
C1 NAG D . -33.27 -9.17 -2.80
C2 NAG D . -32.31 -10.34 -2.57
C3 NAG D . -32.08 -10.55 -1.06
C4 NAG D . -31.69 -9.24 -0.39
C5 NAG D . -32.73 -8.17 -0.69
C6 NAG D . -32.40 -6.83 -0.08
C7 NAG D . -32.09 -12.40 -3.81
C8 NAG D . -32.77 -13.63 -4.38
N2 NAG D . -32.87 -11.55 -3.15
O3 NAG D . -31.03 -11.51 -0.88
O4 NAG D . -31.58 -9.42 1.02
O5 NAG D . -32.83 -7.99 -2.12
O6 NAG D . -33.45 -5.89 -0.29
O7 NAG D . -30.88 -12.22 -3.98
MN MN E . 29.70 -4.07 6.94
CA CA F . 29.87 -4.22 11.10
MN MN G . -29.81 3.62 -6.58
CA CA H . -31.30 -0.19 -7.43
#